data_7AOU
#
_entry.id   7AOU
#
_cell.length_a   43.410
_cell.length_b   49.460
_cell.length_c   59.590
_cell.angle_alpha   90.000
_cell.angle_beta   90.000
_cell.angle_gamma   90.000
#
_symmetry.space_group_name_H-M   'P 21 21 21'
#
loop_
_entity.id
_entity.type
_entity.pdbx_description
1 polymer 'Peptidyl-prolyl cis-trans isomerase FKBP5'
2 non-polymer "(2'R,5'S,12'R)-12'-cyclohexyl-2'-[2-(3,4-dimethoxyphenyl)ethyl]-3',19'-dioxa-10',13',16'-triazaspiro[cyclopropane-1,15'- tricyclo[18.3.1.0-5,10]tetracosane]-1'(24'),20',22'-triene-4',11',14',17'-tetrone"
3 water water
#
_entity_poly.entity_id   1
_entity_poly.type   'polypeptide(L)'
_entity_poly.pdbx_seq_one_letter_code
;GAPATVTEQGEDITSKKDRGVLKIVKRVGNGEETPMIGDKVYVHYKGKLSNGKKFDSSHDRNEPFVFSLGKGQVIKAWDI
GVATMKKGEICHLLCKPEYAYGSAGSLPKIPSNATLFFEIELLDFKGE
;
_entity_poly.pdbx_strand_id   A
#
loop_
_chem_comp.id
_chem_comp.type
_chem_comp.name
_chem_comp.formula
RTT non-polymer '(2'R,5'S,12'R)-12'-cyclohexyl-2'-[2-(3,4-dimethoxyphenyl)ethyl]-3',19'-dioxa-10',13',16'-triazaspiro[cyclopropane-1,15'- tricyclo[18.3.1.0-5,10]tetracosane]-1'(24'),20',22'-triene-4',11',14',17'-tetrone' 'C37 H47 N3 O8'
#
# COMPACT_ATOMS: atom_id res chain seq x y z
N GLY A 1 16.59 -4.83 -5.10
CA GLY A 1 15.34 -4.71 -5.86
C GLY A 1 14.51 -3.57 -5.32
N ALA A 2 13.29 -3.49 -5.84
CA ALA A 2 12.39 -2.41 -5.49
C ALA A 2 12.18 -2.23 -3.98
N PRO A 3 12.03 -3.33 -3.19
CA PRO A 3 11.88 -3.10 -1.73
C PRO A 3 13.06 -2.34 -1.12
N ALA A 4 14.29 -2.70 -1.50
CA ALA A 4 15.46 -1.99 -0.99
C ALA A 4 15.50 -0.55 -1.48
N THR A 5 15.19 -0.34 -2.74
CA THR A 5 15.19 1.03 -3.28
C THR A 5 14.16 1.92 -2.59
N VAL A 6 12.97 1.37 -2.36
CA VAL A 6 11.95 2.14 -1.67
C VAL A 6 12.35 2.40 -0.23
N THR A 7 12.96 1.42 0.42
CA THR A 7 13.39 1.59 1.79
C THR A 7 14.35 2.77 1.86
N GLU A 8 15.32 2.80 0.95
N GLU A 8 15.26 2.84 0.91
CA GLU A 8 16.39 3.80 0.99
CA GLU A 8 16.38 3.78 1.00
C GLU A 8 15.92 5.17 0.51
C GLU A 8 15.97 5.16 0.47
N GLN A 9 15.17 5.18 -0.59
CA GLN A 9 14.87 6.38 -1.36
C GLN A 9 13.39 6.78 -1.44
N GLY A 10 12.50 5.96 -0.88
CA GLY A 10 11.10 6.23 -0.97
C GLY A 10 10.72 7.46 -0.20
N GLU A 11 9.61 8.07 -0.62
CA GLU A 11 9.07 9.23 0.08
C GLU A 11 8.31 8.75 1.32
N ASP A 12 8.58 9.39 2.46
CA ASP A 12 7.84 9.14 3.69
C ASP A 12 6.49 9.86 3.61
N ILE A 13 5.42 9.07 3.51
CA ILE A 13 4.08 9.61 3.36
C ILE A 13 3.26 9.51 4.65
N THR A 14 3.93 9.35 5.77
CA THR A 14 3.25 9.28 7.07
C THR A 14 3.11 10.66 7.69
N SER A 15 2.05 10.79 8.52
N SER A 15 2.06 10.79 8.50
CA SER A 15 1.88 11.98 9.34
CA SER A 15 1.89 11.97 9.36
C SER A 15 2.96 12.12 10.42
C SER A 15 3.01 12.11 10.37
N LYS A 16 3.39 10.98 10.99
CA LYS A 16 4.42 11.00 12.04
C LYS A 16 5.80 11.27 11.51
N LYS A 17 6.03 11.10 10.21
CA LYS A 17 7.37 11.18 9.65
C LYS A 17 8.31 10.17 10.33
N ASP A 18 7.81 8.93 10.38
CA ASP A 18 8.55 7.83 10.95
C ASP A 18 9.08 6.86 9.90
N ARG A 19 9.05 7.26 8.63
CA ARG A 19 9.39 6.36 7.49
C ARG A 19 8.66 5.03 7.57
N GLY A 20 7.45 5.02 8.14
CA GLY A 20 6.73 3.77 8.33
C GLY A 20 5.98 3.32 7.09
N VAL A 21 5.72 4.26 6.19
CA VAL A 21 5.07 4.00 4.91
C VAL A 21 5.86 4.80 3.90
N LEU A 22 6.52 4.10 2.98
CA LEU A 22 7.41 4.68 2.00
C LEU A 22 6.90 4.37 0.61
N LYS A 23 6.98 5.38 -0.27
CA LYS A 23 6.35 5.26 -1.57
C LYS A 23 7.30 5.68 -2.67
N ILE A 24 7.26 4.95 -3.79
CA ILE A 24 7.84 5.42 -5.04
C ILE A 24 6.79 5.17 -6.12
N VAL A 25 6.51 6.18 -6.93
CA VAL A 25 5.61 6.02 -8.08
C VAL A 25 6.32 5.18 -9.15
N LYS A 26 5.60 4.17 -9.63
CA LYS A 26 6.07 3.29 -10.70
C LYS A 26 5.54 3.73 -12.05
N ARG A 27 4.25 4.01 -12.16
CA ARG A 27 3.61 4.48 -13.37
C ARG A 27 2.82 5.72 -13.01
N VAL A 28 3.14 6.84 -13.64
CA VAL A 28 2.47 8.08 -13.36
C VAL A 28 1.01 8.00 -13.83
N GLY A 29 0.10 8.42 -12.97
CA GLY A 29 -1.31 8.47 -13.24
C GLY A 29 -1.75 9.73 -13.92
N ASN A 30 -3.06 9.93 -13.84
N ASN A 30 -3.04 9.98 -13.93
CA ASN A 30 -3.83 10.93 -14.62
CA ASN A 30 -3.55 11.12 -14.71
C ASN A 30 -4.31 12.03 -13.69
C ASN A 30 -4.43 11.99 -13.89
N GLY A 31 -4.25 13.28 -14.12
CA GLY A 31 -4.93 14.32 -13.38
C GLY A 31 -4.20 14.64 -12.11
N GLU A 32 -4.91 15.33 -11.24
CA GLU A 32 -4.46 15.67 -9.93
C GLU A 32 -5.35 15.15 -8.81
N GLU A 33 -6.54 14.69 -9.10
CA GLU A 33 -7.42 14.19 -8.06
C GLU A 33 -6.86 12.92 -7.47
N THR A 34 -7.07 12.79 -6.17
CA THR A 34 -6.81 11.56 -5.44
C THR A 34 -8.08 11.13 -4.75
N PRO A 35 -8.22 9.85 -4.37
CA PRO A 35 -9.40 9.43 -3.64
C PRO A 35 -9.48 10.14 -2.31
N MET A 36 -10.70 10.32 -1.86
N MET A 36 -10.70 10.35 -1.84
CA MET A 36 -11.01 10.98 -0.58
CA MET A 36 -10.97 11.01 -0.57
C MET A 36 -11.50 9.98 0.44
C MET A 36 -11.50 10.00 0.43
N ILE A 37 -11.36 10.31 1.72
CA ILE A 37 -11.85 9.46 2.80
C ILE A 37 -13.32 9.19 2.56
N GLY A 38 -13.65 7.92 2.67
CA GLY A 38 -14.99 7.44 2.40
C GLY A 38 -15.24 6.95 0.99
N ASP A 39 -14.39 7.32 0.03
CA ASP A 39 -14.62 6.88 -1.34
C ASP A 39 -14.44 5.36 -1.43
N LYS A 40 -15.21 4.76 -2.31
CA LYS A 40 -14.92 3.41 -2.76
C LYS A 40 -13.77 3.46 -3.74
N VAL A 41 -12.73 2.67 -3.47
N VAL A 41 -12.79 2.58 -3.53
CA VAL A 41 -11.55 2.64 -4.32
CA VAL A 41 -11.56 2.59 -4.27
C VAL A 41 -11.38 1.23 -4.85
C VAL A 41 -11.37 1.21 -4.84
N TYR A 42 -10.86 1.15 -6.07
CA TYR A 42 -10.76 -0.08 -6.83
C TYR A 42 -9.32 -0.21 -7.32
N VAL A 43 -8.63 -1.30 -6.96
CA VAL A 43 -7.23 -1.45 -7.29
C VAL A 43 -6.95 -2.86 -7.83
N HIS A 44 -5.78 -2.96 -8.48
CA HIS A 44 -5.06 -4.21 -8.56
C HIS A 44 -3.86 -4.14 -7.63
N TYR A 45 -3.37 -5.28 -7.15
CA TYR A 45 -2.22 -5.23 -6.30
C TYR A 45 -1.46 -6.52 -6.35
N LYS A 46 -0.22 -6.46 -5.86
CA LYS A 46 0.62 -7.62 -5.53
C LYS A 46 1.29 -7.28 -4.22
N GLY A 47 1.39 -8.27 -3.33
CA GLY A 47 2.07 -8.05 -2.08
C GLY A 47 2.96 -9.17 -1.65
N LYS A 48 3.86 -8.85 -0.73
CA LYS A 48 4.76 -9.87 -0.16
C LYS A 48 5.35 -9.34 1.11
N LEU A 49 5.96 -10.23 1.88
CA LEU A 49 6.92 -9.84 2.89
C LEU A 49 8.07 -9.13 2.17
N SER A 50 8.59 -8.07 2.75
CA SER A 50 9.52 -7.22 2.01
C SER A 50 10.80 -7.93 1.57
N ASN A 51 11.20 -8.94 2.31
CA ASN A 51 12.34 -9.75 1.93
C ASN A 51 11.95 -11.00 1.13
N GLY A 52 10.69 -11.10 0.72
CA GLY A 52 10.30 -12.34 0.09
C GLY A 52 10.77 -12.45 -1.35
N LYS A 53 10.97 -13.68 -1.78
CA LYS A 53 11.42 -14.01 -3.12
C LYS A 53 10.41 -13.67 -4.23
N LYS A 54 9.12 -13.91 -3.97
CA LYS A 54 8.08 -13.74 -4.99
C LYS A 54 6.88 -13.04 -4.40
N PHE A 55 6.19 -12.26 -5.21
CA PHE A 55 4.87 -11.75 -4.80
C PHE A 55 3.91 -12.91 -4.52
N ASP A 56 3.08 -12.73 -3.51
CA ASP A 56 2.05 -13.68 -3.20
C ASP A 56 1.14 -13.82 -4.42
N SER A 57 0.68 -15.05 -4.67
CA SER A 57 -0.14 -15.32 -5.85
C SER A 57 -1.55 -15.84 -5.46
N SER A 58 -2.00 -15.57 -4.24
CA SER A 58 -3.25 -16.16 -3.74
C SER A 58 -4.49 -15.23 -3.88
N HIS A 59 -4.52 -14.43 -4.95
CA HIS A 59 -5.77 -13.79 -5.41
C HIS A 59 -5.77 -13.68 -6.92
N ASP A 60 -6.97 -13.52 -7.47
CA ASP A 60 -7.17 -13.31 -8.88
C ASP A 60 -6.66 -11.91 -9.22
N ARG A 61 -5.54 -11.82 -9.92
CA ARG A 61 -4.97 -10.49 -10.26
C ARG A 61 -5.85 -9.65 -11.19
N ASN A 62 -6.79 -10.30 -11.89
CA ASN A 62 -7.71 -9.62 -12.86
C ASN A 62 -8.93 -8.97 -12.25
N GLU A 63 -9.25 -9.30 -11.02
CA GLU A 63 -10.46 -8.84 -10.37
C GLU A 63 -10.11 -7.60 -9.56
N PRO A 64 -10.92 -6.51 -9.61
CA PRO A 64 -10.53 -5.42 -8.71
C PRO A 64 -10.70 -5.79 -7.23
N PHE A 65 -9.81 -5.25 -6.42
CA PHE A 65 -9.92 -5.24 -4.98
C PHE A 65 -10.54 -3.92 -4.61
N VAL A 66 -11.61 -4.00 -3.81
CA VAL A 66 -12.46 -2.84 -3.52
C VAL A 66 -12.49 -2.60 -2.03
N PHE A 67 -12.33 -1.34 -1.61
CA PHE A 67 -12.51 -0.97 -0.21
C PHE A 67 -12.88 0.48 -0.10
N SER A 68 -13.34 0.88 1.09
CA SER A 68 -13.68 2.28 1.35
C SER A 68 -12.50 2.92 2.03
N LEU A 69 -11.97 3.97 1.42
CA LEU A 69 -10.73 4.61 1.89
C LEU A 69 -10.88 5.26 3.24
N GLY A 70 -9.88 5.05 4.11
CA GLY A 70 -9.77 5.81 5.36
C GLY A 70 -10.72 5.33 6.43
N LYS A 71 -11.27 4.14 6.26
CA LYS A 71 -12.22 3.56 7.19
C LYS A 71 -11.68 2.37 7.95
N GLY A 72 -10.39 2.09 7.86
CA GLY A 72 -9.83 0.97 8.61
C GLY A 72 -10.29 -0.39 8.08
N GLN A 73 -10.63 -0.46 6.80
CA GLN A 73 -10.98 -1.73 6.19
C GLN A 73 -9.77 -2.54 5.73
N VAL A 74 -8.64 -1.86 5.62
CA VAL A 74 -7.37 -2.42 5.22
C VAL A 74 -6.32 -1.93 6.21
N ILE A 75 -5.13 -2.48 6.11
CA ILE A 75 -4.03 -2.03 6.96
C ILE A 75 -3.75 -0.53 6.77
N LYS A 76 -3.24 0.07 7.84
CA LYS A 76 -3.03 1.52 7.86
C LYS A 76 -2.22 2.00 6.67
N ALA A 77 -1.21 1.26 6.28
CA ALA A 77 -0.38 1.69 5.19
C ALA A 77 -1.17 1.92 3.90
N TRP A 78 -2.16 1.08 3.66
CA TRP A 78 -2.99 1.26 2.48
C TRP A 78 -3.92 2.46 2.59
N ASP A 79 -4.50 2.69 3.77
CA ASP A 79 -5.33 3.88 3.90
C ASP A 79 -4.51 5.15 3.61
N ILE A 80 -3.27 5.16 4.11
CA ILE A 80 -2.37 6.30 3.88
C ILE A 80 -1.92 6.34 2.42
N GLY A 81 -1.48 5.19 1.91
CA GLY A 81 -0.83 5.18 0.62
C GLY A 81 -1.79 5.34 -0.55
N VAL A 82 -2.93 4.66 -0.54
CA VAL A 82 -3.85 4.78 -1.66
C VAL A 82 -4.39 6.20 -1.76
N ALA A 83 -4.55 6.87 -0.62
CA ALA A 83 -4.99 8.28 -0.61
C ALA A 83 -4.12 9.22 -1.39
N THR A 84 -2.85 8.84 -1.60
CA THR A 84 -1.93 9.68 -2.33
C THR A 84 -1.87 9.38 -3.82
N MET A 85 -2.64 8.42 -4.29
CA MET A 85 -2.51 7.96 -5.71
C MET A 85 -3.46 8.66 -6.62
N LYS A 86 -2.96 8.97 -7.84
CA LYS A 86 -3.84 9.41 -8.93
C LYS A 86 -4.48 8.24 -9.64
N LYS A 87 -5.60 8.49 -10.31
CA LYS A 87 -6.21 7.45 -11.13
C LYS A 87 -5.23 6.95 -12.17
N GLY A 88 -5.10 5.63 -12.28
CA GLY A 88 -4.16 5.06 -13.21
C GLY A 88 -2.76 4.90 -12.72
N GLU A 89 -2.42 5.46 -11.56
CA GLU A 89 -1.09 5.35 -11.01
C GLU A 89 -0.84 3.93 -10.59
N ILE A 90 0.42 3.51 -10.73
CA ILE A 90 0.97 2.34 -10.05
C ILE A 90 2.05 2.83 -9.12
N CYS A 91 2.03 2.38 -7.87
CA CYS A 91 3.11 2.69 -6.96
C CYS A 91 3.65 1.47 -6.29
N HIS A 92 4.84 1.63 -5.70
N HIS A 92 4.86 1.63 -5.74
CA HIS A 92 5.41 0.72 -4.74
CA HIS A 92 5.54 0.72 -4.80
C HIS A 92 5.28 1.31 -3.37
C HIS A 92 5.34 1.28 -3.39
N LEU A 93 4.89 0.43 -2.44
CA LEU A 93 4.69 0.84 -1.07
C LEU A 93 5.38 -0.13 -0.14
N LEU A 94 6.20 0.40 0.78
N LEU A 94 6.29 0.39 0.71
CA LEU A 94 6.92 -0.38 1.75
CA LEU A 94 6.93 -0.40 1.76
C LEU A 94 6.33 0.01 3.10
C LEU A 94 6.32 0.00 3.10
N CYS A 95 5.92 -1.01 3.87
CA CYS A 95 4.99 -0.85 5.02
C CYS A 95 5.68 -1.48 6.20
N LYS A 96 6.08 -0.66 7.16
N LYS A 96 6.12 -0.72 7.17
CA LYS A 96 6.69 -1.15 8.39
CA LYS A 96 6.69 -1.44 8.27
C LYS A 96 5.59 -1.71 9.34
C LYS A 96 5.57 -1.90 9.21
N PRO A 97 5.94 -2.62 10.27
CA PRO A 97 4.88 -3.43 10.94
C PRO A 97 3.78 -2.64 11.62
N GLU A 98 4.14 -1.50 12.19
N GLU A 98 4.12 -1.47 12.12
CA GLU A 98 3.18 -0.66 12.87
CA GLU A 98 3.16 -0.66 12.83
C GLU A 98 2.07 -0.12 11.92
C GLU A 98 2.04 -0.18 11.91
N TYR A 99 2.30 -0.17 10.61
CA TYR A 99 1.32 0.20 9.59
C TYR A 99 0.78 -1.01 8.82
N ALA A 100 1.03 -2.19 9.36
CA ALA A 100 0.63 -3.44 8.75
C ALA A 100 0.01 -4.32 9.84
N TYR A 101 0.62 -5.45 10.19
CA TYR A 101 0.01 -6.39 11.12
C TYR A 101 0.72 -6.41 12.49
N GLY A 102 1.69 -5.52 12.70
CA GLY A 102 2.20 -5.29 14.03
C GLY A 102 2.80 -6.53 14.67
N SER A 103 2.72 -6.58 15.99
N SER A 103 2.72 -6.58 15.99
CA SER A 103 3.27 -7.71 16.73
CA SER A 103 3.24 -7.73 16.74
C SER A 103 2.45 -9.00 16.59
C SER A 103 2.46 -9.01 16.52
N ALA A 104 1.15 -8.90 16.32
CA ALA A 104 0.31 -10.12 16.19
C ALA A 104 0.59 -10.84 14.87
N GLY A 105 0.95 -10.10 13.82
CA GLY A 105 1.01 -10.71 12.49
C GLY A 105 -0.33 -11.31 12.09
N SER A 106 -0.28 -12.22 11.13
CA SER A 106 -1.47 -12.97 10.69
C SER A 106 -0.91 -14.32 10.25
N LEU A 107 -0.79 -15.19 11.23
CA LEU A 107 -0.05 -16.42 11.08
C LEU A 107 -0.86 -17.45 10.31
N PRO A 108 -0.20 -18.21 9.46
CA PRO A 108 1.24 -18.31 9.30
C PRO A 108 1.86 -17.37 8.30
N LYS A 109 1.08 -16.86 7.36
CA LYS A 109 1.71 -16.22 6.23
C LYS A 109 2.45 -14.93 6.60
N ILE A 110 1.93 -14.19 7.58
CA ILE A 110 2.52 -12.91 7.99
C ILE A 110 3.04 -13.04 9.43
N PRO A 111 4.36 -13.18 9.59
CA PRO A 111 4.90 -13.30 10.92
C PRO A 111 4.70 -12.07 11.75
N SER A 112 4.93 -12.23 13.03
CA SER A 112 5.05 -11.13 13.92
C SER A 112 6.10 -10.12 13.40
N ASN A 113 5.83 -8.82 13.55
N ASN A 113 5.81 -8.83 13.51
CA ASN A 113 6.81 -7.75 13.23
CA ASN A 113 6.78 -7.80 13.25
C ASN A 113 7.31 -7.77 11.79
C ASN A 113 7.29 -7.77 11.81
N ALA A 114 6.38 -8.01 10.87
CA ALA A 114 6.74 -8.12 9.45
C ALA A 114 6.62 -6.80 8.70
N THR A 115 7.65 -6.49 7.93
CA THR A 115 7.62 -5.40 6.99
C THR A 115 7.11 -5.92 5.65
N LEU A 116 6.15 -5.22 5.05
CA LEU A 116 5.50 -5.65 3.82
C LEU A 116 5.82 -4.73 2.64
N PHE A 117 5.68 -5.30 1.45
CA PHE A 117 5.93 -4.58 0.22
C PHE A 117 4.76 -4.83 -0.75
N PHE A 118 4.20 -3.77 -1.34
CA PHE A 118 3.12 -3.88 -2.31
C PHE A 118 3.43 -3.11 -3.58
N GLU A 119 2.89 -3.62 -4.67
CA GLU A 119 2.68 -2.84 -5.88
C GLU A 119 1.18 -2.65 -6.00
N ILE A 120 0.72 -1.40 -6.12
CA ILE A 120 -0.69 -1.09 -6.18
C ILE A 120 -0.97 -0.28 -7.42
N GLU A 121 -2.01 -0.68 -8.15
CA GLU A 121 -2.53 0.04 -9.31
C GLU A 121 -3.90 0.60 -8.97
N LEU A 122 -4.04 1.91 -8.97
CA LEU A 122 -5.35 2.51 -8.71
C LEU A 122 -6.16 2.57 -9.98
N LEU A 123 -7.25 1.80 -10.04
CA LEU A 123 -8.11 1.75 -11.22
C LEU A 123 -9.13 2.85 -11.24
N ASP A 124 -9.79 3.06 -10.11
CA ASP A 124 -10.89 4.00 -10.08
C ASP A 124 -11.24 4.32 -8.65
N PHE A 125 -12.03 5.36 -8.47
CA PHE A 125 -12.59 5.67 -7.18
C PHE A 125 -13.82 6.50 -7.37
N LYS A 126 -14.70 6.42 -6.39
CA LYS A 126 -15.92 7.19 -6.43
C LYS A 126 -16.47 7.48 -5.07
N GLY A 127 -17.11 8.64 -4.94
CA GLY A 127 -17.67 9.08 -3.69
C GLY A 127 -19.06 8.60 -3.38
N GLU A 128 -19.70 7.85 -4.28
CA GLU A 128 -21.17 7.58 -4.24
C GLU A 128 -21.86 7.77 -2.86
CAX RTT B . -3.97 -5.90 10.79
OAV RTT B . -4.85 -4.83 10.47
CAQ RTT B . -5.82 -5.08 9.56
CAP RTT B . -6.05 -6.29 8.89
CAR RTT B . -6.71 -4.03 9.38
OAU RTT B . -6.40 -2.88 10.09
CAW RTT B . -7.44 -1.90 10.18
CAS RTT B . -7.77 -4.16 8.50
CAT RTT B . -7.95 -5.38 7.83
CAO RTT B . -7.11 -6.46 8.02
CAN RTT B . -7.31 -7.72 7.35
CAM RTT B . -6.31 -7.96 6.21
CAK RTT B . -6.56 -7.04 5.01
OAL RTT B . -5.32 -7.06 4.14
C RTT B . -4.73 -5.94 3.89
O RTT B . -5.10 -4.93 4.45
CA RTT B . -3.74 -5.95 2.84
CB RTT B . -3.79 -4.81 1.98
CBD RTT B . -4.96 -5.01 1.01
CAY RTT B . -4.70 -6.22 0.16
CAZ RTT B . -4.42 -7.43 1.02
N RTT B . -3.48 -7.21 2.14
CBG RTT B . -2.53 -8.09 2.51
OBI RTT B . -1.87 -7.86 3.50
CBH RTT B . -2.26 -9.31 1.70
CBJ RTT B . -0.97 -10.02 1.95
CBP RTT B . -0.82 -11.35 1.46
CBR RTT B . 0.53 -12.00 1.86
CBS RTT B . 1.70 -11.15 1.53
CBT RTT B . 1.52 -9.77 2.19
CBQ RTT B . 0.25 -9.13 1.74
NBK RTT B . -3.41 -10.26 1.70
CBL RTT B . -3.81 -10.88 0.53
OBN RTT B . -3.31 -10.55 -0.56
CBM RTT B . -4.81 -11.90 0.63
CBU RTT B . -4.37 -13.25 0.25
CBV RTT B . -5.32 -12.61 -0.61
NBO RTT B . -5.80 -11.80 1.69
CAI RTT B . -6.90 -10.99 1.53
OAJ RTT B . -6.90 -10.14 0.64
CAH RTT B . -8.00 -11.22 2.46
OAG RTT B . -9.03 -10.26 2.23
CAD RTT B . -8.86 -9.01 2.76
CAE RTT B . -7.81 -8.65 3.61
CAF RTT B . -7.71 -7.39 4.18
CAA RTT B . -8.70 -6.48 3.88
CAB RTT B . -9.74 -6.79 3.02
CAC RTT B . -9.83 -8.07 2.47
#